data_3MLA
#
_entry.id   3MLA
#
_cell.length_a   88.586
_cell.length_b   97.498
_cell.length_c   44.280
_cell.angle_alpha   90.00
_cell.angle_beta   90.00
_cell.angle_gamma   90.00
#
_symmetry.space_group_name_H-M   'P 21 21 2'
#
loop_
_entity.id
_entity.type
_entity.pdbx_description
1 polymer 'nicotinate-nucleotide adenylyltransferase'
2 non-polymer 4-[2-(anthracen-9-ylmethylidene)hydrazino]-N-(3-chlorophenyl)-4-oxobutanamide
3 non-polymer 'FORMIC ACID'
4 non-polymer 'DIMETHYL SULFOXIDE'
5 water water
#
_entity_poly.entity_id   1
_entity_poly.type   'polypeptide(L)'
_entity_poly.pdbx_seq_one_letter_code
;GAMRKIGIIGGTFDPPHYGHLLIANEVYHALNLEEVWFLPNQIPPHKQGRNITSVESRLQMLELATEAEEHFSICLEELS
RKGPSYTYDTMLQLTKKYPDVQFHFIIGGDMVEYLPKWYNIEALLDLVTFVGVARPGYKLRTPYPITTVEIPEFAVSSSL
LRERYKEKKTCKYLLPEKVQVYIERNGLYES
;
_entity_poly.pdbx_strand_id   A,B
#
loop_
_chem_comp.id
_chem_comp.type
_chem_comp.name
_chem_comp.formula
DMS non-polymer 'DIMETHYL SULFOXIDE' 'C2 H6 O S'
FMT non-polymer 'FORMIC ACID' 'C H2 O2'
JJZ non-polymer 4-[2-(anthracen-9-ylmethylidene)hydrazino]-N-(3-chlorophenyl)-4-oxobutanamide 'C25 H20 Cl N3 O2'
#
# COMPACT_ATOMS: atom_id res chain seq x y z
N MET A 3 -26.01 13.38 -8.83
CA MET A 3 -25.00 13.75 -7.83
C MET A 3 -23.70 14.20 -8.46
N ARG A 4 -23.04 15.17 -7.84
CA ARG A 4 -21.74 15.65 -8.27
C ARG A 4 -20.69 14.55 -8.14
N LYS A 5 -19.93 14.30 -9.21
CA LYS A 5 -18.86 13.29 -9.15
C LYS A 5 -17.57 13.91 -8.65
N ILE A 6 -17.15 13.54 -7.45
CA ILE A 6 -15.93 14.09 -6.88
C ILE A 6 -14.92 13.02 -6.51
N GLY A 7 -13.68 13.21 -6.95
CA GLY A 7 -12.60 12.31 -6.60
C GLY A 7 -11.98 12.70 -5.27
N ILE A 8 -11.48 11.70 -4.55
CA ILE A 8 -10.74 11.92 -3.32
C ILE A 8 -9.39 11.27 -3.48
N ILE A 9 -8.32 12.01 -3.21
CA ILE A 9 -7.01 11.40 -3.21
C ILE A 9 -6.35 11.71 -1.87
N GLY A 10 -6.12 10.68 -1.06
CA GLY A 10 -5.57 10.90 0.28
C GLY A 10 -4.12 10.50 0.43
N GLY A 11 -3.50 10.96 1.51
CA GLY A 11 -2.10 10.63 1.78
C GLY A 11 -1.53 11.71 2.67
N THR A 12 -0.26 11.59 3.02
CA THR A 12 0.37 12.59 3.88
C THR A 12 0.97 13.74 3.07
N PHE A 13 1.17 13.51 1.77
CA PHE A 13 1.69 14.54 0.86
C PHE A 13 2.91 15.21 1.46
N ASP A 14 3.97 14.41 1.58
CA ASP A 14 5.06 14.74 2.50
C ASP A 14 6.42 14.51 1.81
N PRO A 15 6.71 15.23 0.71
CA PRO A 15 5.93 16.31 0.08
C PRO A 15 5.03 15.85 -1.06
N PRO A 16 4.10 16.72 -1.47
CA PRO A 16 3.35 16.45 -2.69
C PRO A 16 4.26 16.61 -3.89
N HIS A 17 4.01 15.85 -4.95
CA HIS A 17 4.87 15.96 -6.12
C HIS A 17 4.09 15.72 -7.40
N TYR A 18 4.78 15.70 -8.53
CA TYR A 18 4.11 15.54 -9.82
C TYR A 18 3.36 14.22 -9.93
N GLY A 19 3.84 13.19 -9.23
CA GLY A 19 3.15 11.90 -9.25
C GLY A 19 1.72 12.01 -8.72
N HIS A 20 1.54 12.71 -7.60
CA HIS A 20 0.20 12.92 -7.06
C HIS A 20 -0.68 13.69 -8.04
N LEU A 21 -0.11 14.74 -8.63
CA LEU A 21 -0.88 15.56 -9.56
C LEU A 21 -1.25 14.77 -10.81
N LEU A 22 -0.30 13.98 -11.31
CA LEU A 22 -0.55 13.15 -12.50
C LEU A 22 -1.72 12.20 -12.24
N ILE A 23 -1.73 11.56 -11.07
CA ILE A 23 -2.78 10.60 -10.75
C ILE A 23 -4.13 11.29 -10.62
N ALA A 24 -4.17 12.40 -9.87
CA ALA A 24 -5.39 13.17 -9.73
C ALA A 24 -5.93 13.60 -11.09
N ASN A 25 -5.04 14.09 -11.96
CA ASN A 25 -5.45 14.58 -13.27
C ASN A 25 -5.98 13.47 -14.15
N GLU A 26 -5.32 12.31 -14.10
CA GLU A 26 -5.70 11.19 -14.96
C GLU A 26 -7.07 10.67 -14.60
N VAL A 27 -7.32 10.56 -13.30
CA VAL A 27 -8.63 10.10 -12.82
C VAL A 27 -9.69 11.15 -13.13
N TYR A 28 -9.36 12.42 -12.91
CA TYR A 28 -10.24 13.51 -13.28
C TYR A 28 -10.72 13.40 -14.73
N HIS A 29 -9.79 13.20 -15.66
CA HIS A 29 -10.16 13.11 -17.07
C HIS A 29 -10.83 11.77 -17.42
N ALA A 30 -10.34 10.70 -16.80
CA ALA A 30 -10.77 9.35 -17.16
C ALA A 30 -12.24 9.16 -16.84
N LEU A 31 -12.64 9.69 -15.70
CA LEU A 31 -13.97 9.46 -15.19
C LEU A 31 -14.85 10.71 -15.32
N ASN A 32 -14.31 11.73 -15.97
CA ASN A 32 -15.05 12.98 -16.14
C ASN A 32 -15.62 13.48 -14.81
N LEU A 33 -14.75 13.63 -13.83
CA LEU A 33 -15.13 14.13 -12.50
C LEU A 33 -15.37 15.64 -12.57
N GLU A 34 -16.07 16.17 -11.58
CA GLU A 34 -16.24 17.62 -11.47
C GLU A 34 -14.98 18.25 -10.88
N GLU A 35 -14.45 17.59 -9.86
CA GLU A 35 -13.27 18.05 -9.13
C GLU A 35 -12.57 16.86 -8.51
N VAL A 36 -11.32 17.06 -8.11
CA VAL A 36 -10.62 16.10 -7.27
C VAL A 36 -10.24 16.84 -5.98
N TRP A 37 -10.59 16.26 -4.83
CA TRP A 37 -10.19 16.81 -3.53
C TRP A 37 -9.00 16.03 -2.99
N PHE A 38 -7.93 16.75 -2.70
CA PHE A 38 -6.77 16.21 -2.02
C PHE A 38 -7.09 16.19 -0.54
N LEU A 39 -6.89 15.03 0.09
CA LEU A 39 -7.28 14.82 1.49
C LEU A 39 -6.05 14.51 2.33
N PRO A 40 -5.37 15.55 2.85
CA PRO A 40 -4.16 15.32 3.63
C PRO A 40 -4.48 14.59 4.93
N ASN A 41 -3.73 13.54 5.22
CA ASN A 41 -3.94 12.73 6.41
C ASN A 41 -3.28 13.37 7.62
N GLN A 42 -3.77 13.01 8.80
CA GLN A 42 -3.12 13.43 10.04
C GLN A 42 -2.01 12.44 10.37
N ILE A 43 -0.95 12.91 11.03
CA ILE A 43 0.17 12.05 11.40
C ILE A 43 0.35 12.08 12.91
N PRO A 44 0.42 10.91 13.55
CA PRO A 44 0.65 10.94 15.01
C PRO A 44 2.03 11.50 15.35
N PRO A 45 2.21 12.01 16.57
CA PRO A 45 3.55 12.50 16.95
C PRO A 45 4.59 11.39 16.93
N HIS A 46 5.83 11.72 16.56
CA HIS A 46 6.90 10.73 16.49
C HIS A 46 7.10 10.03 17.83
N LYS A 47 7.41 8.73 17.79
CA LYS A 47 7.62 7.95 19.01
C LYS A 47 8.97 8.22 19.65
N GLN A 48 9.96 8.51 18.82
CA GLN A 48 11.35 8.59 19.30
C GLN A 48 12.02 9.93 19.07
N GLY A 49 11.29 11.01 19.32
CA GLY A 49 11.85 12.35 19.29
C GLY A 49 12.45 12.77 17.95
N ARG A 50 11.93 12.21 16.87
CA ARG A 50 12.35 12.60 15.53
C ARG A 50 11.27 13.47 14.89
N ASN A 51 11.52 13.96 13.70
CA ASN A 51 10.62 14.93 13.09
C ASN A 51 9.46 14.29 12.36
N ILE A 52 8.28 14.89 12.51
CA ILE A 52 7.25 14.76 11.50
C ILE A 52 7.06 16.14 10.91
N THR A 53 6.63 16.20 9.66
CA THR A 53 6.37 17.46 8.99
C THR A 53 5.06 18.04 9.50
N SER A 54 5.10 19.30 9.91
CA SER A 54 3.94 19.90 10.57
C SER A 54 2.72 19.94 9.66
N VAL A 55 1.55 20.02 10.27
CA VAL A 55 0.32 20.18 9.51
C VAL A 55 0.40 21.46 8.70
N GLU A 56 0.93 22.51 9.32
CA GLU A 56 1.09 23.79 8.65
C GLU A 56 1.91 23.67 7.36
N SER A 57 3.07 23.02 7.45
CA SER A 57 3.94 22.85 6.30
C SER A 57 3.32 21.96 5.23
N ARG A 58 2.72 20.86 5.63
CA ARG A 58 2.12 19.98 4.64
C ARG A 58 0.96 20.65 3.93
N LEU A 59 0.13 21.37 4.67
CA LEU A 59 -0.98 22.09 4.04
C LEU A 59 -0.48 23.15 3.05
N GLN A 60 0.52 23.93 3.44
CA GLN A 60 1.03 24.96 2.52
C GLN A 60 1.66 24.36 1.25
N MET A 61 2.43 23.28 1.40
CA MET A 61 2.99 22.61 0.23
C MET A 61 1.84 22.16 -0.69
N LEU A 62 0.78 21.60 -0.10
CA LEU A 62 -0.36 21.12 -0.88
C LEU A 62 -1.08 22.25 -1.62
N GLU A 63 -1.29 23.38 -0.94
CA GLU A 63 -1.81 24.59 -1.57
C GLU A 63 -0.96 25.02 -2.77
N LEU A 64 0.35 25.15 -2.55
CA LEU A 64 1.28 25.46 -3.65
C LEU A 64 1.21 24.47 -4.80
N ALA A 65 1.05 23.18 -4.49
CA ALA A 65 1.03 22.15 -5.51
C ALA A 65 -0.23 22.17 -6.36
N THR A 66 -1.34 22.62 -5.78
CA THR A 66 -2.64 22.47 -6.43
C THR A 66 -3.31 23.79 -6.81
N GLU A 67 -2.77 24.89 -6.32
CA GLU A 67 -3.46 26.17 -6.45
C GLU A 67 -3.62 26.62 -7.90
N ALA A 68 -2.79 26.07 -8.78
CA ALA A 68 -2.85 26.42 -10.20
C ALA A 68 -4.05 25.79 -10.91
N GLU A 69 -4.63 24.75 -10.31
CA GLU A 69 -5.70 23.99 -10.98
C GLU A 69 -7.07 24.20 -10.35
N GLU A 70 -7.98 24.79 -11.12
CA GLU A 70 -9.31 25.14 -10.62
C GLU A 70 -10.08 23.90 -10.23
N HIS A 71 -9.73 22.76 -10.84
CA HIS A 71 -10.47 21.51 -10.62
C HIS A 71 -9.87 20.64 -9.50
N PHE A 72 -8.82 21.16 -8.86
CA PHE A 72 -8.25 20.53 -7.65
C PHE A 72 -8.64 21.40 -6.48
N SER A 73 -9.06 20.77 -5.38
CA SER A 73 -9.24 21.49 -4.13
C SER A 73 -8.69 20.67 -2.97
N ILE A 74 -8.68 21.27 -1.79
CA ILE A 74 -8.18 20.60 -0.61
C ILE A 74 -9.31 20.38 0.39
N CYS A 75 -9.42 19.15 0.88
CA CYS A 75 -10.39 18.80 1.91
C CYS A 75 -9.68 18.60 3.23
N LEU A 76 -10.07 19.38 4.24
CA LEU A 76 -9.40 19.40 5.55
C LEU A 76 -10.02 18.45 6.58
N GLU A 77 -10.92 17.58 6.15
CA GLU A 77 -11.66 16.75 7.10
C GLU A 77 -10.72 15.97 8.05
N GLU A 78 -9.67 15.37 7.52
CA GLU A 78 -8.77 14.59 8.36
C GLU A 78 -7.75 15.49 9.05
N LEU A 79 -7.29 16.50 8.33
CA LEU A 79 -6.13 17.26 8.78
C LEU A 79 -6.52 18.15 9.95
N SER A 80 -7.80 18.44 10.06
CA SER A 80 -8.26 19.33 11.11
C SER A 80 -8.40 18.61 12.46
N ARG A 81 -8.48 17.28 12.42
CA ARG A 81 -8.65 16.48 13.64
C ARG A 81 -7.32 16.32 14.37
N LYS A 82 -7.38 15.84 15.61
CA LYS A 82 -6.16 15.77 16.42
C LYS A 82 -5.29 14.57 16.07
N GLY A 83 -5.91 13.44 15.75
CA GLY A 83 -5.18 12.24 15.41
C GLY A 83 -5.66 11.67 14.09
N PRO A 84 -5.03 10.56 13.66
CA PRO A 84 -5.40 9.89 12.40
C PRO A 84 -6.86 9.45 12.40
N SER A 85 -7.43 9.34 11.20
CA SER A 85 -8.79 8.86 11.02
C SER A 85 -8.81 7.60 10.16
N TYR A 86 -9.68 6.66 10.50
CA TYR A 86 -10.02 5.60 9.56
C TYR A 86 -10.77 6.23 8.39
N THR A 87 -10.52 5.75 7.18
CA THR A 87 -11.18 6.29 6.00
C THR A 87 -12.71 6.15 6.11
N TYR A 88 -13.19 5.06 6.69
CA TYR A 88 -14.63 4.95 6.91
C TYR A 88 -15.21 6.15 7.70
N ASP A 89 -14.59 6.49 8.81
CA ASP A 89 -15.09 7.61 9.63
C ASP A 89 -15.03 8.93 8.82
N THR A 90 -13.94 9.17 8.11
CA THR A 90 -13.86 10.36 7.27
C THR A 90 -14.98 10.41 6.25
N MET A 91 -15.15 9.33 5.50
CA MET A 91 -16.17 9.33 4.43
C MET A 91 -17.60 9.42 4.94
N LEU A 92 -17.84 8.86 6.13
CA LEU A 92 -19.14 9.00 6.77
C LEU A 92 -19.40 10.49 7.01
N GLN A 93 -18.39 11.18 7.52
CA GLN A 93 -18.55 12.59 7.80
C GLN A 93 -18.71 13.40 6.52
N LEU A 94 -17.92 13.11 5.48
CA LEU A 94 -18.06 13.82 4.21
C LEU A 94 -19.42 13.55 3.55
N THR A 95 -19.96 12.35 3.78
CA THR A 95 -21.28 12.01 3.27
C THR A 95 -22.35 12.84 3.95
N LYS A 96 -22.19 13.07 5.24
CA LYS A 96 -23.18 13.89 5.95
C LYS A 96 -23.10 15.34 5.46
N LYS A 97 -21.87 15.84 5.31
CA LYS A 97 -21.63 17.24 4.95
C LYS A 97 -21.96 17.54 3.49
N TYR A 98 -21.90 16.53 2.63
CA TYR A 98 -22.09 16.77 1.20
C TYR A 98 -23.02 15.72 0.62
N PRO A 99 -24.32 15.83 0.93
CA PRO A 99 -25.34 14.83 0.58
C PRO A 99 -25.45 14.58 -0.92
N ASP A 100 -25.11 15.58 -1.73
CA ASP A 100 -25.30 15.49 -3.18
C ASP A 100 -24.03 15.08 -3.92
N VAL A 101 -23.05 14.54 -3.20
CA VAL A 101 -21.80 14.16 -3.85
C VAL A 101 -21.61 12.66 -3.92
N GLN A 102 -21.21 12.17 -5.09
CA GLN A 102 -20.77 10.79 -5.23
C GLN A 102 -19.25 10.79 -5.14
N PHE A 103 -18.72 10.12 -4.12
CA PHE A 103 -17.27 10.10 -3.87
C PHE A 103 -16.57 8.96 -4.58
N HIS A 104 -15.49 9.30 -5.27
CA HIS A 104 -14.67 8.33 -5.97
C HIS A 104 -13.31 8.34 -5.31
N PHE A 105 -13.01 7.27 -4.57
CA PHE A 105 -11.87 7.26 -3.66
C PHE A 105 -10.70 6.53 -4.31
N ILE A 106 -9.63 7.27 -4.59
CA ILE A 106 -8.54 6.76 -5.41
C ILE A 106 -7.56 5.96 -4.58
N ILE A 107 -7.26 4.73 -5.00
CA ILE A 107 -6.25 3.93 -4.32
C ILE A 107 -5.26 3.35 -5.33
N GLY A 108 -4.04 3.06 -4.86
CA GLY A 108 -3.04 2.44 -5.71
C GLY A 108 -3.35 0.98 -5.98
N GLY A 109 -2.90 0.50 -7.13
CA GLY A 109 -3.12 -0.88 -7.54
C GLY A 109 -2.67 -1.90 -6.51
N ASP A 110 -1.57 -1.60 -5.83
CA ASP A 110 -1.04 -2.48 -4.77
C ASP A 110 -1.89 -2.47 -3.49
N MET A 111 -2.70 -1.44 -3.30
CA MET A 111 -3.59 -1.39 -2.16
C MET A 111 -4.67 -2.46 -2.30
N VAL A 112 -5.02 -2.78 -3.54
CA VAL A 112 -6.31 -3.44 -3.78
C VAL A 112 -6.49 -4.80 -3.07
N GLU A 113 -5.44 -5.63 -3.07
CA GLU A 113 -5.63 -6.95 -2.49
C GLU A 113 -5.82 -6.88 -0.98
N TYR A 114 -5.47 -5.73 -0.38
CA TYR A 114 -5.59 -5.57 1.07
C TYR A 114 -6.85 -4.86 1.57
N LEU A 115 -7.70 -4.41 0.65
CA LEU A 115 -8.99 -3.80 1.02
C LEU A 115 -9.81 -4.55 2.09
N PRO A 116 -9.84 -5.90 2.05
CA PRO A 116 -10.65 -6.60 3.05
C PRO A 116 -10.17 -6.35 4.48
N LYS A 117 -8.97 -5.81 4.64
CA LYS A 117 -8.40 -5.55 5.96
C LYS A 117 -8.65 -4.13 6.46
N TRP A 118 -9.28 -3.30 5.63
CA TRP A 118 -9.60 -1.93 6.05
C TRP A 118 -10.71 -1.96 7.08
N TYR A 119 -10.63 -1.05 8.05
CA TYR A 119 -11.66 -0.92 9.06
C TYR A 119 -13.03 -0.61 8.43
N ASN A 120 -14.03 -1.40 8.79
CA ASN A 120 -15.40 -1.21 8.27
C ASN A 120 -15.47 -1.19 6.75
N ILE A 121 -14.68 -2.03 6.11
CA ILE A 121 -14.63 -2.02 4.63
C ILE A 121 -16.03 -2.19 4.03
N GLU A 122 -16.83 -3.11 4.58
CA GLU A 122 -18.14 -3.37 3.98
C GLU A 122 -19.01 -2.13 3.99
N ALA A 123 -19.05 -1.44 5.13
CA ALA A 123 -19.81 -0.21 5.26
C ALA A 123 -19.22 0.92 4.41
N LEU A 124 -17.90 0.97 4.30
CA LEU A 124 -17.24 1.96 3.45
C LEU A 124 -17.61 1.78 1.97
N LEU A 125 -17.79 0.54 1.52
CA LEU A 125 -18.18 0.30 0.13
C LEU A 125 -19.51 0.98 -0.20
N ASP A 126 -20.35 1.16 0.81
CA ASP A 126 -21.65 1.81 0.61
C ASP A 126 -21.53 3.34 0.65
N LEU A 127 -20.35 3.85 0.99
CA LEU A 127 -20.11 5.30 1.08
C LEU A 127 -19.33 5.86 -0.10
N VAL A 128 -18.51 5.02 -0.73
CA VAL A 128 -17.65 5.49 -1.82
C VAL A 128 -17.58 4.48 -2.95
N THR A 129 -17.18 4.96 -4.11
CA THR A 129 -16.79 4.10 -5.21
C THR A 129 -15.27 4.08 -5.23
N PHE A 130 -14.65 2.91 -5.07
CA PHE A 130 -13.19 2.87 -5.16
C PHE A 130 -12.73 2.99 -6.60
N VAL A 131 -11.65 3.73 -6.79
CA VAL A 131 -10.98 3.83 -8.09
C VAL A 131 -9.55 3.33 -7.92
N GLY A 132 -9.27 2.15 -8.46
CA GLY A 132 -7.91 1.62 -8.41
C GLY A 132 -7.13 2.04 -9.64
N VAL A 133 -5.93 2.56 -9.42
CA VAL A 133 -5.10 2.98 -10.53
C VAL A 133 -4.17 1.83 -10.89
N ALA A 134 -4.27 1.39 -12.13
CA ALA A 134 -3.53 0.22 -12.57
C ALA A 134 -2.62 0.64 -13.71
N ARG A 135 -1.52 -0.09 -13.88
CA ARG A 135 -0.61 0.18 -14.99
C ARG A 135 -1.29 -0.18 -16.31
N PRO A 136 -0.84 0.46 -17.41
CA PRO A 136 -1.48 0.25 -18.71
C PRO A 136 -1.69 -1.23 -19.03
N GLY A 137 -2.92 -1.58 -19.40
CA GLY A 137 -3.24 -2.91 -19.89
C GLY A 137 -3.35 -4.01 -18.86
N TYR A 138 -3.32 -3.64 -17.58
CA TYR A 138 -3.32 -4.64 -16.51
C TYR A 138 -4.55 -4.49 -15.63
N LYS A 139 -4.95 -5.59 -14.98
CA LYS A 139 -6.21 -5.59 -14.25
C LYS A 139 -6.04 -5.80 -12.76
N LEU A 140 -6.96 -5.21 -12.02
CA LEU A 140 -6.98 -5.36 -10.59
C LEU A 140 -7.91 -6.50 -10.24
N ARG A 141 -7.50 -7.30 -9.27
CA ARG A 141 -8.31 -8.43 -8.87
C ARG A 141 -8.79 -8.24 -7.44
N THR A 142 -10.10 -8.16 -7.27
CA THR A 142 -10.71 -7.98 -5.97
C THR A 142 -12.16 -8.44 -6.03
N PRO A 143 -12.68 -8.99 -4.92
CA PRO A 143 -14.08 -9.40 -4.90
C PRO A 143 -15.01 -8.20 -4.86
N TYR A 144 -14.44 -7.04 -4.52
CA TYR A 144 -15.23 -5.82 -4.39
C TYR A 144 -15.43 -5.13 -5.73
N PRO A 145 -16.55 -4.40 -5.86
CA PRO A 145 -16.75 -3.55 -7.04
C PRO A 145 -15.75 -2.41 -6.99
N ILE A 146 -15.00 -2.24 -8.05
CA ILE A 146 -14.04 -1.18 -8.13
C ILE A 146 -14.01 -0.66 -9.56
N THR A 147 -13.69 0.63 -9.69
CA THR A 147 -13.47 1.22 -11.00
C THR A 147 -11.99 1.27 -11.22
N THR A 148 -11.55 0.91 -12.42
CA THR A 148 -10.13 0.91 -12.75
C THR A 148 -9.77 2.08 -13.65
N VAL A 149 -8.70 2.78 -13.33
CA VAL A 149 -8.15 3.79 -14.23
C VAL A 149 -6.70 3.47 -14.56
N GLU A 150 -6.36 3.43 -15.84
CA GLU A 150 -5.00 3.16 -16.27
C GLU A 150 -4.16 4.42 -16.25
N ILE A 151 -3.00 4.32 -15.59
CA ILE A 151 -2.03 5.39 -15.46
C ILE A 151 -0.65 4.73 -15.42
N PRO A 152 0.27 5.22 -16.23
CA PRO A 152 1.66 4.72 -16.19
C PRO A 152 2.25 4.90 -14.82
N GLU A 153 3.12 3.98 -14.38
CA GLU A 153 3.83 4.15 -13.13
C GLU A 153 5.02 5.06 -13.36
N PHE A 154 5.04 6.21 -12.70
CA PHE A 154 6.06 7.23 -13.00
C PHE A 154 7.25 7.23 -12.04
N ALA A 155 7.17 6.46 -10.98
CA ALA A 155 8.33 6.16 -10.15
C ALA A 155 8.79 7.29 -9.22
N VAL A 156 8.26 8.49 -9.39
CA VAL A 156 8.56 9.57 -8.46
C VAL A 156 7.82 9.31 -7.16
N SER A 157 8.52 9.42 -6.04
CA SER A 157 7.87 9.23 -4.76
C SER A 157 8.39 10.19 -3.72
N SER A 158 7.56 10.44 -2.70
CA SER A 158 7.97 11.32 -1.63
C SER A 158 9.23 10.81 -0.94
N SER A 159 9.34 9.49 -0.78
CA SER A 159 10.54 8.88 -0.17
C SER A 159 11.79 9.18 -0.97
N LEU A 160 11.65 9.17 -2.29
CA LEU A 160 12.75 9.53 -3.18
C LEU A 160 13.15 10.98 -2.94
N LEU A 161 12.16 11.87 -2.94
CA LEU A 161 12.43 13.31 -2.83
C LEU A 161 13.03 13.71 -1.48
N ARG A 162 12.54 13.08 -0.41
CA ARG A 162 13.06 13.40 0.90
C ARG A 162 14.55 13.06 0.98
N GLU A 163 14.93 11.90 0.46
CA GLU A 163 16.34 11.49 0.42
C GLU A 163 17.18 12.52 -0.34
N ARG A 164 16.69 12.96 -1.48
CA ARG A 164 17.40 13.99 -2.24
C ARG A 164 17.58 15.26 -1.40
N TYR A 165 16.53 15.71 -0.72
CA TYR A 165 16.63 16.93 0.09
C TYR A 165 17.61 16.74 1.25
N LYS A 166 17.63 15.52 1.80
CA LYS A 166 18.55 15.17 2.87
C LYS A 166 19.98 15.31 2.35
N GLU A 167 20.16 15.02 1.06
CA GLU A 167 21.48 15.14 0.43
C GLU A 167 21.68 16.53 -0.15
N LYS A 168 20.75 17.44 0.13
CA LYS A 168 20.87 18.83 -0.31
C LYS A 168 20.91 18.98 -1.84
N LYS A 169 20.15 18.14 -2.52
CA LYS A 169 19.96 18.21 -3.96
C LYS A 169 18.64 18.90 -4.27
N THR A 170 18.51 19.43 -5.48
CA THR A 170 17.23 19.99 -5.90
C THR A 170 16.29 18.90 -6.42
N CYS A 171 15.01 19.16 -6.34
CA CYS A 171 14.04 18.22 -6.90
C CYS A 171 13.26 18.86 -8.04
N LYS A 172 13.90 19.86 -8.67
CA LYS A 172 13.35 20.51 -9.84
C LYS A 172 12.94 19.45 -10.88
N TYR A 173 11.78 19.65 -11.48
CA TYR A 173 11.20 18.74 -12.49
C TYR A 173 10.52 17.50 -11.93
N LEU A 174 10.54 17.34 -10.61
CA LEU A 174 9.89 16.20 -9.96
C LEU A 174 8.64 16.66 -9.21
N LEU A 175 8.56 17.96 -8.97
CA LEU A 175 7.42 18.53 -8.28
C LEU A 175 7.31 19.99 -8.66
N PRO A 176 6.14 20.60 -8.40
CA PRO A 176 5.97 22.01 -8.78
C PRO A 176 7.09 22.89 -8.27
N GLU A 177 7.57 23.78 -9.13
CA GLU A 177 8.61 24.74 -8.76
C GLU A 177 8.34 25.38 -7.39
N LYS A 178 7.11 25.85 -7.20
CA LYS A 178 6.74 26.55 -5.97
C LYS A 178 6.91 25.71 -4.71
N VAL A 179 6.74 24.40 -4.83
CA VAL A 179 6.88 23.53 -3.66
C VAL A 179 8.37 23.35 -3.36
N GLN A 180 9.16 23.14 -4.40
CA GLN A 180 10.61 23.07 -4.26
C GLN A 180 11.15 24.32 -3.55
N VAL A 181 10.70 25.49 -3.98
CA VAL A 181 11.13 26.75 -3.37
C VAL A 181 10.76 26.76 -1.89
N TYR A 182 9.54 26.35 -1.57
CA TYR A 182 9.06 26.34 -0.19
C TYR A 182 9.86 25.38 0.67
N ILE A 183 10.09 24.18 0.15
CA ILE A 183 10.87 23.18 0.90
C ILE A 183 12.29 23.67 1.23
N GLU A 184 13.02 24.12 0.22
CA GLU A 184 14.40 24.50 0.47
C GLU A 184 14.47 25.75 1.32
N ARG A 185 13.52 26.65 1.12
CA ARG A 185 13.50 27.87 1.94
C ARG A 185 13.31 27.57 3.42
N ASN A 186 12.36 26.69 3.74
CA ASN A 186 12.04 26.40 5.13
C ASN A 186 12.90 25.28 5.70
N GLY A 187 13.84 24.79 4.90
CA GLY A 187 14.73 23.74 5.34
C GLY A 187 14.04 22.44 5.73
N LEU A 188 13.04 22.04 4.96
CA LEU A 188 12.36 20.77 5.21
C LEU A 188 13.19 19.57 4.75
N TYR A 189 12.96 18.42 5.38
CA TYR A 189 13.57 17.16 4.97
C TYR A 189 15.10 17.17 5.04
N GLU A 190 15.61 17.85 6.06
CA GLU A 190 17.06 17.91 6.25
C GLU A 190 17.47 17.26 7.57
N MET B 3 15.02 -14.53 22.02
CA MET B 3 13.86 -14.96 21.26
C MET B 3 14.19 -15.20 19.79
N ARG B 4 13.53 -16.18 19.19
CA ARG B 4 13.70 -16.50 17.78
C ARG B 4 13.16 -15.35 16.94
N LYS B 5 13.91 -14.94 15.93
CA LYS B 5 13.47 -13.86 15.05
C LYS B 5 12.85 -14.44 13.79
N ILE B 6 11.56 -14.17 13.58
CA ILE B 6 10.86 -14.74 12.45
C ILE B 6 10.13 -13.66 11.65
N GLY B 7 10.27 -13.72 10.34
CA GLY B 7 9.61 -12.75 9.48
C GLY B 7 8.25 -13.24 9.05
N ILE B 8 7.38 -12.29 8.74
CA ILE B 8 6.05 -12.58 8.25
C ILE B 8 5.86 -11.79 6.97
N ILE B 9 5.54 -12.48 5.88
CA ILE B 9 5.16 -11.77 4.65
C ILE B 9 3.75 -12.18 4.25
N GLY B 10 2.82 -11.22 4.26
CA GLY B 10 1.43 -11.57 4.02
C GLY B 10 0.91 -11.10 2.66
N GLY B 11 -0.20 -11.67 2.22
CA GLY B 11 -0.78 -11.22 0.97
C GLY B 11 -1.70 -12.29 0.45
N THR B 12 -2.31 -12.10 -0.72
CA THR B 12 -3.16 -13.13 -1.28
C THR B 12 -2.38 -14.14 -2.13
N PHE B 13 -1.17 -13.76 -2.55
CA PHE B 13 -0.27 -14.64 -3.31
C PHE B 13 -1.00 -15.25 -4.49
N ASP B 14 -1.36 -14.40 -5.44
CA ASP B 14 -2.40 -14.68 -6.42
C ASP B 14 -1.97 -14.26 -7.83
N PRO B 15 -0.86 -14.81 -8.33
CA PRO B 15 -0.02 -15.87 -7.76
C PRO B 15 1.23 -15.38 -7.03
N PRO B 16 1.83 -16.28 -6.24
CA PRO B 16 3.16 -16.00 -5.69
C PRO B 16 4.17 -15.99 -6.82
N HIS B 17 5.22 -15.19 -6.68
CA HIS B 17 6.20 -15.04 -7.75
C HIS B 17 7.57 -14.66 -7.18
N TYR B 18 8.54 -14.48 -8.07
CA TYR B 18 9.91 -14.26 -7.63
C TYR B 18 10.04 -12.96 -6.84
N GLY B 19 9.15 -12.00 -7.09
CA GLY B 19 9.18 -10.78 -6.30
C GLY B 19 8.91 -11.04 -4.82
N HIS B 20 7.96 -11.93 -4.54
CA HIS B 20 7.64 -12.26 -3.16
C HIS B 20 8.84 -12.98 -2.53
N LEU B 21 9.40 -13.93 -3.26
CA LEU B 21 10.54 -14.69 -2.77
C LEU B 21 11.76 -13.78 -2.58
N LEU B 22 11.98 -12.86 -3.49
CA LEU B 22 13.12 -11.93 -3.40
C LEU B 22 13.01 -11.10 -2.13
N ILE B 23 11.81 -10.59 -1.85
CA ILE B 23 11.60 -9.78 -0.64
C ILE B 23 11.82 -10.60 0.64
N ALA B 24 11.21 -11.77 0.70
CA ALA B 24 11.36 -12.64 1.86
C ALA B 24 12.84 -12.94 2.08
N ASN B 25 13.56 -13.22 1.00
CA ASN B 25 14.98 -13.58 1.09
C ASN B 25 15.85 -12.40 1.56
N GLU B 26 15.56 -11.20 1.03
CA GLU B 26 16.34 -10.03 1.37
C GLU B 26 16.18 -9.72 2.85
N VAL B 27 14.96 -9.85 3.34
CA VAL B 27 14.72 -9.51 4.74
C VAL B 27 15.36 -10.59 5.63
N TYR B 28 15.22 -11.84 5.20
CA TYR B 28 15.87 -12.96 5.88
C TYR B 28 17.36 -12.70 6.06
N HIS B 29 18.04 -12.30 4.98
CA HIS B 29 19.48 -12.04 5.07
C HIS B 29 19.85 -10.74 5.79
N ALA B 30 19.08 -9.69 5.56
CA ALA B 30 19.38 -8.40 6.16
C ALA B 30 19.28 -8.40 7.68
N LEU B 31 18.31 -9.13 8.22
CA LEU B 31 18.03 -9.08 9.66
C LEU B 31 18.44 -10.37 10.36
N ASN B 32 19.14 -11.23 9.62
CA ASN B 32 19.59 -12.49 10.16
C ASN B 32 18.44 -13.22 10.87
N LEU B 33 17.31 -13.37 10.18
CA LEU B 33 16.14 -14.09 10.72
C LEU B 33 16.35 -15.60 10.72
N GLU B 34 15.60 -16.28 11.58
CA GLU B 34 15.62 -17.74 11.62
C GLU B 34 14.88 -18.31 10.42
N GLU B 35 13.76 -17.68 10.08
CA GLU B 35 13.02 -18.06 8.89
C GLU B 35 11.95 -17.01 8.58
N VAL B 36 11.32 -17.15 7.43
CA VAL B 36 10.24 -16.24 7.06
C VAL B 36 8.98 -17.06 6.80
N TRP B 37 7.86 -16.63 7.35
CA TRP B 37 6.58 -17.30 7.14
C TRP B 37 5.75 -16.53 6.14
N PHE B 38 5.29 -17.22 5.11
CA PHE B 38 4.35 -16.64 4.15
C PHE B 38 2.96 -16.80 4.74
N LEU B 39 2.19 -15.72 4.75
CA LEU B 39 0.92 -15.69 5.47
C LEU B 39 -0.21 -15.37 4.50
N PRO B 40 -0.78 -16.42 3.88
CA PRO B 40 -1.84 -16.17 2.90
C PRO B 40 -3.08 -15.56 3.55
N ASN B 41 -3.62 -14.52 2.92
CA ASN B 41 -4.81 -13.85 3.41
C ASN B 41 -6.09 -14.54 2.93
N GLN B 42 -7.17 -14.37 3.69
CA GLN B 42 -8.47 -14.82 3.21
C GLN B 42 -9.00 -13.79 2.21
N ILE B 43 -9.72 -14.26 1.19
CA ILE B 43 -10.40 -13.36 0.25
C ILE B 43 -11.90 -13.55 0.41
N PRO B 44 -12.62 -12.47 0.75
CA PRO B 44 -14.08 -12.54 0.86
C PRO B 44 -14.74 -12.98 -0.46
N PRO B 45 -15.89 -13.65 -0.38
CA PRO B 45 -16.60 -14.07 -1.60
C PRO B 45 -16.84 -12.92 -2.59
N ASN B 51 -15.12 -14.09 -10.10
CA ASN B 51 -13.96 -14.98 -10.09
C ASN B 51 -12.97 -14.65 -8.98
N ILE B 52 -12.77 -15.57 -8.06
CA ILE B 52 -11.65 -15.47 -7.13
C ILE B 52 -10.92 -16.81 -7.12
N THR B 53 -9.61 -16.73 -6.95
CA THR B 53 -8.79 -17.92 -6.91
C THR B 53 -9.02 -18.68 -5.60
N SER B 54 -9.37 -19.96 -5.70
CA SER B 54 -9.73 -20.75 -4.52
C SER B 54 -8.59 -20.78 -3.49
N VAL B 55 -8.95 -20.95 -2.22
CA VAL B 55 -7.94 -21.11 -1.17
C VAL B 55 -7.07 -22.31 -1.49
N GLU B 56 -7.71 -23.37 -1.97
CA GLU B 56 -7.01 -24.59 -2.38
C GLU B 56 -5.90 -24.26 -3.37
N SER B 57 -6.25 -23.49 -4.38
CA SER B 57 -5.28 -23.15 -5.42
C SER B 57 -4.16 -22.24 -4.91
N ARG B 58 -4.51 -21.23 -4.10
CA ARG B 58 -3.49 -20.32 -3.63
C ARG B 58 -2.52 -21.02 -2.69
N LEU B 59 -3.04 -21.89 -1.84
CA LEU B 59 -2.20 -22.67 -0.95
C LEU B 59 -1.26 -23.58 -1.72
N GLN B 60 -1.78 -24.26 -2.73
CA GLN B 60 -0.98 -25.18 -3.52
C GLN B 60 0.16 -24.42 -4.19
N MET B 61 -0.17 -23.28 -4.79
CA MET B 61 0.85 -22.45 -5.40
C MET B 61 1.91 -22.01 -4.39
N LEU B 62 1.49 -21.61 -3.19
CA LEU B 62 2.43 -21.22 -2.15
C LEU B 62 3.32 -22.38 -1.75
N GLU B 63 2.72 -23.56 -1.67
CA GLU B 63 3.48 -24.76 -1.35
C GLU B 63 4.54 -24.98 -2.42
N LEU B 64 4.13 -24.97 -3.69
CA LEU B 64 5.08 -25.16 -4.79
C LEU B 64 6.17 -24.08 -4.82
N ALA B 65 5.79 -22.86 -4.49
CA ALA B 65 6.73 -21.74 -4.49
C ALA B 65 7.79 -21.84 -3.39
N THR B 66 7.45 -22.51 -2.29
CA THR B 66 8.36 -22.53 -1.13
C THR B 66 8.98 -23.90 -0.88
N GLU B 67 8.62 -24.88 -1.71
CA GLU B 67 9.08 -26.26 -1.55
C GLU B 67 10.58 -26.42 -1.36
N ALA B 68 11.35 -25.67 -2.15
CA ALA B 68 12.79 -25.88 -2.18
C ALA B 68 13.53 -24.90 -1.30
N GLU B 69 12.81 -23.95 -0.71
CA GLU B 69 13.44 -22.93 0.11
C GLU B 69 13.45 -23.34 1.57
N GLU B 70 14.65 -23.61 2.10
CA GLU B 70 14.80 -24.09 3.46
C GLU B 70 14.24 -23.14 4.52
N HIS B 71 14.45 -21.85 4.33
CA HIS B 71 14.08 -20.92 5.40
C HIS B 71 12.70 -20.29 5.19
N PHE B 72 11.91 -20.83 4.27
CA PHE B 72 10.55 -20.32 4.04
C PHE B 72 9.50 -21.36 4.44
N SER B 73 8.48 -20.91 5.17
CA SER B 73 7.39 -21.80 5.59
C SER B 73 6.07 -21.07 5.39
N ILE B 74 4.97 -21.80 5.51
CA ILE B 74 3.64 -21.23 5.32
C ILE B 74 2.91 -21.21 6.66
N CYS B 75 2.39 -20.05 7.01
CA CYS B 75 1.60 -19.90 8.22
C CYS B 75 0.12 -19.80 7.83
N LEU B 76 -0.69 -20.71 8.36
CA LEU B 76 -2.10 -20.82 7.99
C LEU B 76 -3.04 -20.02 8.90
N GLU B 77 -2.46 -19.23 9.80
CA GLU B 77 -3.28 -18.57 10.82
C GLU B 77 -4.51 -17.90 10.23
N GLU B 78 -4.32 -17.05 9.20
CA GLU B 78 -5.48 -16.32 8.66
C GLU B 78 -6.47 -17.20 7.89
N LEU B 79 -6.01 -18.26 7.27
CA LEU B 79 -6.92 -19.18 6.57
C LEU B 79 -7.74 -20.02 7.54
N SER B 80 -7.30 -20.07 8.80
CA SER B 80 -7.98 -20.86 9.82
C SER B 80 -9.23 -20.15 10.36
N ARG B 81 -9.43 -18.91 9.94
CA ARG B 81 -10.61 -18.15 10.32
C ARG B 81 -11.49 -17.95 9.09
N LYS B 82 -12.79 -17.71 9.30
CA LYS B 82 -13.73 -17.70 8.18
C LYS B 82 -13.57 -16.57 7.18
N GLY B 83 -13.60 -15.33 7.67
CA GLY B 83 -13.49 -14.16 6.82
C GLY B 83 -12.15 -13.48 6.95
N PRO B 84 -12.02 -12.26 6.41
CA PRO B 84 -10.74 -11.56 6.47
C PRO B 84 -10.36 -11.25 7.93
N SER B 85 -9.07 -11.07 8.20
CA SER B 85 -8.60 -10.75 9.54
C SER B 85 -7.81 -9.46 9.50
N TYR B 86 -7.93 -8.64 10.54
CA TYR B 86 -7.00 -7.53 10.68
C TYR B 86 -5.69 -8.14 11.10
N THR B 87 -4.61 -7.49 10.75
CA THR B 87 -3.29 -7.97 11.10
C THR B 87 -3.12 -8.00 12.62
N TYR B 88 -3.76 -7.06 13.30
CA TYR B 88 -3.76 -7.10 14.76
C TYR B 88 -4.31 -8.44 15.30
N ASP B 89 -5.44 -8.91 14.75
CA ASP B 89 -6.04 -10.17 15.17
C ASP B 89 -5.05 -11.32 14.99
N THR B 90 -4.46 -11.38 13.82
CA THR B 90 -3.53 -12.44 13.47
C THR B 90 -2.32 -12.47 14.40
N MET B 91 -1.74 -11.30 14.65
CA MET B 91 -0.51 -11.23 15.42
C MET B 91 -0.78 -11.46 16.90
N LEU B 92 -1.99 -11.11 17.34
CA LEU B 92 -2.38 -11.42 18.71
C LEU B 92 -2.34 -12.94 18.91
N GLN B 93 -2.94 -13.67 17.97
CA GLN B 93 -2.94 -15.13 18.05
C GLN B 93 -1.54 -15.73 17.91
N LEU B 94 -0.74 -15.23 16.98
CA LEU B 94 0.60 -15.77 16.78
C LEU B 94 1.52 -15.50 17.97
N THR B 95 1.40 -14.33 18.57
CA THR B 95 2.20 -14.03 19.76
C THR B 95 1.78 -14.90 20.95
N LYS B 96 0.49 -15.23 21.01
CA LYS B 96 0.01 -16.14 22.05
C LYS B 96 0.57 -17.53 21.81
N LYS B 97 0.59 -17.95 20.55
CA LYS B 97 1.01 -19.29 20.17
C LYS B 97 2.51 -19.47 20.22
N TYR B 98 3.25 -18.38 20.00
CA TYR B 98 4.70 -18.44 19.96
C TYR B 98 5.30 -17.32 20.80
N PRO B 99 5.21 -17.44 22.13
CA PRO B 99 5.68 -16.42 23.09
C PRO B 99 7.18 -16.20 22.99
N ASP B 100 7.89 -17.18 22.43
CA ASP B 100 9.34 -17.15 22.31
C ASP B 100 9.79 -16.51 21.00
N VAL B 101 8.87 -15.89 20.28
CA VAL B 101 9.18 -15.38 18.93
C VAL B 101 9.05 -13.87 18.80
N GLN B 102 10.07 -13.23 18.26
CA GLN B 102 9.98 -11.83 17.88
C GLN B 102 9.62 -11.76 16.41
N PHE B 103 8.38 -11.36 16.13
CA PHE B 103 7.89 -11.31 14.76
C PHE B 103 8.28 -10.01 14.06
N HIS B 104 8.71 -10.14 12.81
CA HIS B 104 9.06 -9.00 11.98
C HIS B 104 8.10 -8.98 10.81
N PHE B 105 7.22 -7.98 10.80
CA PHE B 105 6.14 -7.95 9.84
C PHE B 105 6.52 -7.09 8.63
N ILE B 106 6.64 -7.73 7.48
CA ILE B 106 7.19 -7.06 6.31
C ILE B 106 6.11 -6.26 5.55
N ILE B 107 6.37 -4.98 5.29
CA ILE B 107 5.43 -4.16 4.51
C ILE B 107 6.18 -3.39 3.41
N GLY B 108 5.47 -3.06 2.34
CA GLY B 108 6.06 -2.25 1.27
C GLY B 108 6.27 -0.81 1.70
N GLY B 109 7.30 -0.17 1.15
CA GLY B 109 7.59 1.22 1.47
C GLY B 109 6.39 2.14 1.26
N ASP B 110 5.57 1.83 0.26
CA ASP B 110 4.34 2.58 -0.01
C ASP B 110 3.27 2.45 1.08
N MET B 111 3.30 1.36 1.84
CA MET B 111 2.34 1.14 2.90
C MET B 111 2.62 2.13 4.01
N VAL B 112 3.90 2.46 4.20
CA VAL B 112 4.33 3.05 5.46
C VAL B 112 3.55 4.28 5.92
N GLU B 113 3.28 5.22 5.02
CA GLU B 113 2.60 6.46 5.43
C GLU B 113 1.18 6.22 5.88
N TYR B 114 0.61 5.08 5.52
CA TYR B 114 -0.76 4.73 5.91
C TYR B 114 -0.87 3.87 7.17
N LEU B 115 0.27 3.54 7.81
CA LEU B 115 0.20 2.73 9.04
C LEU B 115 -0.76 3.25 10.10
N PRO B 116 -0.87 4.57 10.27
CA PRO B 116 -1.76 5.10 11.32
C PRO B 116 -3.23 4.77 11.09
N LYS B 117 -3.58 4.31 9.90
CA LYS B 117 -4.95 3.93 9.58
C LYS B 117 -5.18 2.43 9.75
N TRP B 118 -4.14 1.67 10.06
CA TRP B 118 -4.36 0.24 10.30
C TRP B 118 -5.17 0.02 11.58
N TYR B 119 -6.03 -1.00 11.57
CA TYR B 119 -6.86 -1.23 12.76
C TYR B 119 -6.03 -1.51 14.01
N ASN B 120 -6.22 -0.73 15.06
CA ASN B 120 -5.57 -0.98 16.34
C ASN B 120 -4.05 -0.92 16.21
N ILE B 121 -3.54 0.03 15.42
CA ILE B 121 -2.11 0.12 15.13
C ILE B 121 -1.22 0.21 16.38
N GLU B 122 -1.63 1.03 17.35
CA GLU B 122 -0.86 1.16 18.58
C GLU B 122 -0.67 -0.18 19.28
N ALA B 123 -1.73 -0.95 19.40
CA ALA B 123 -1.63 -2.25 20.06
C ALA B 123 -0.81 -3.22 19.19
N LEU B 124 -0.95 -3.11 17.87
CA LEU B 124 -0.22 -3.96 16.96
C LEU B 124 1.29 -3.71 17.07
N LEU B 125 1.68 -2.46 17.34
CA LEU B 125 3.09 -2.12 17.50
C LEU B 125 3.73 -2.84 18.67
N ASP B 126 2.93 -3.19 19.68
CA ASP B 126 3.41 -3.97 20.82
C ASP B 126 3.56 -5.47 20.50
N LEU B 127 3.14 -5.88 19.31
CA LEU B 127 3.11 -7.29 18.95
C LEU B 127 4.09 -7.64 17.85
N VAL B 128 4.49 -6.65 17.06
CA VAL B 128 5.42 -6.89 15.97
C VAL B 128 6.42 -5.76 15.83
N THR B 129 7.52 -6.07 15.15
CA THR B 129 8.42 -5.05 14.64
C THR B 129 8.12 -4.95 13.16
N PHE B 130 7.81 -3.75 12.68
CA PHE B 130 7.54 -3.59 11.25
C PHE B 130 8.86 -3.49 10.50
N VAL B 131 8.92 -4.13 9.32
CA VAL B 131 10.07 -4.01 8.44
C VAL B 131 9.56 -3.39 7.16
N GLY B 132 9.99 -2.17 6.88
CA GLY B 132 9.59 -1.52 5.64
C GLY B 132 10.62 -1.79 4.57
N VAL B 133 10.17 -2.25 3.41
CA VAL B 133 11.11 -2.47 2.32
C VAL B 133 11.11 -1.27 1.37
N ALA B 134 12.31 -0.80 1.04
CA ALA B 134 12.47 0.44 0.28
C ALA B 134 13.47 0.24 -0.84
N ARG B 135 13.22 0.92 -1.96
CA ARG B 135 14.13 0.88 -3.10
C ARG B 135 15.42 1.61 -2.75
N PRO B 136 16.55 1.19 -3.34
CA PRO B 136 17.78 1.96 -3.14
C PRO B 136 17.50 3.43 -3.48
N GLY B 137 17.83 4.34 -2.57
CA GLY B 137 17.61 5.75 -2.82
C GLY B 137 16.30 6.30 -2.26
N TYR B 138 15.52 5.45 -1.61
CA TYR B 138 14.26 5.87 -1.03
C TYR B 138 14.34 5.82 0.49
N LYS B 139 13.84 6.87 1.14
CA LYS B 139 13.90 7.00 2.58
C LYS B 139 12.51 6.98 3.21
N LEU B 140 12.26 5.99 4.06
CA LEU B 140 10.94 5.85 4.69
C LEU B 140 10.76 6.83 5.84
N ARG B 141 9.53 7.31 6.02
CA ARG B 141 9.27 8.30 7.05
C ARG B 141 7.97 7.96 7.78
N THR B 142 8.08 7.74 9.08
CA THR B 142 6.92 7.40 9.90
C THR B 142 7.24 7.76 11.34
N PRO B 143 6.23 8.16 12.11
CA PRO B 143 6.43 8.39 13.55
C PRO B 143 6.71 7.11 14.32
N TYR B 144 6.39 5.96 13.74
CA TYR B 144 6.51 4.67 14.43
C TYR B 144 7.89 4.05 14.29
N PRO B 145 8.30 3.25 15.29
CA PRO B 145 9.57 2.54 15.15
C PRO B 145 9.41 1.56 14.01
N ILE B 146 10.37 1.55 13.10
CA ILE B 146 10.32 0.60 12.00
C ILE B 146 11.74 0.33 11.57
N THR B 147 11.97 -0.85 11.03
CA THR B 147 13.26 -1.23 10.51
C THR B 147 13.18 -1.15 9.00
N THR B 148 14.22 -0.62 8.35
CA THR B 148 14.18 -0.50 6.90
C THR B 148 15.13 -1.51 6.28
N VAL B 149 14.67 -2.18 5.22
CA VAL B 149 15.53 -3.06 4.45
C VAL B 149 15.51 -2.61 3.00
N GLU B 150 16.68 -2.39 2.43
CA GLU B 150 16.77 -1.98 1.04
C GLU B 150 16.60 -3.17 0.11
N ILE B 151 15.63 -3.06 -0.80
CA ILE B 151 15.40 -4.08 -1.80
C ILE B 151 15.17 -3.39 -3.14
N PRO B 152 15.93 -3.81 -4.15
CA PRO B 152 15.73 -3.26 -5.50
C PRO B 152 14.30 -3.54 -5.94
N GLU B 153 13.65 -2.58 -6.58
CA GLU B 153 12.38 -2.85 -7.23
C GLU B 153 12.63 -3.88 -8.32
N PHE B 154 11.65 -4.76 -8.55
CA PHE B 154 11.83 -5.84 -9.54
C PHE B 154 10.78 -5.77 -10.65
N ALA B 155 9.68 -5.08 -10.40
CA ALA B 155 8.65 -4.84 -11.41
C ALA B 155 7.89 -6.08 -11.87
N VAL B 156 8.02 -7.18 -11.14
CA VAL B 156 7.12 -8.31 -11.34
C VAL B 156 6.00 -8.17 -10.33
N SER B 157 4.76 -8.30 -10.78
CA SER B 157 3.61 -8.23 -9.87
C SER B 157 2.63 -9.31 -10.25
N SER B 158 1.78 -9.69 -9.29
CA SER B 158 0.77 -10.71 -9.56
C SER B 158 -0.16 -10.23 -10.67
N SER B 159 -0.47 -8.94 -10.66
CA SER B 159 -1.34 -8.39 -11.71
C SER B 159 -0.72 -8.54 -13.11
N LEU B 160 0.58 -8.30 -13.23
CA LEU B 160 1.27 -8.51 -14.51
C LEU B 160 1.11 -9.95 -14.94
N LEU B 161 1.40 -10.89 -14.04
CA LEU B 161 1.35 -12.31 -14.39
C LEU B 161 -0.04 -12.79 -14.80
N ARG B 162 -1.07 -12.36 -14.05
CA ARG B 162 -2.41 -12.83 -14.34
C ARG B 162 -2.81 -12.43 -15.76
N GLU B 163 -2.41 -11.24 -16.18
CA GLU B 163 -2.75 -10.78 -17.53
C GLU B 163 -2.01 -11.57 -18.59
N ARG B 164 -0.74 -11.93 -18.31
CA ARG B 164 0.03 -12.72 -19.26
C ARG B 164 -0.64 -14.08 -19.44
N TYR B 165 -1.06 -14.69 -18.33
CA TYR B 165 -1.72 -15.98 -18.42
C TYR B 165 -3.05 -15.87 -19.19
N LYS B 166 -3.76 -14.76 -18.98
CA LYS B 166 -5.02 -14.55 -19.69
C LYS B 166 -4.78 -14.47 -21.18
N GLU B 167 -3.61 -13.96 -21.55
CA GLU B 167 -3.23 -13.84 -22.95
C GLU B 167 -2.50 -15.08 -23.43
N LYS B 168 -2.47 -16.10 -22.57
CA LYS B 168 -1.86 -17.37 -22.92
C LYS B 168 -0.38 -17.20 -23.22
N LYS B 169 0.27 -16.30 -22.49
CA LYS B 169 1.72 -16.15 -22.56
C LYS B 169 2.37 -16.89 -21.40
N THR B 170 3.62 -17.30 -21.58
CA THR B 170 4.37 -17.93 -20.50
C THR B 170 4.86 -16.89 -19.49
N CYS B 171 5.00 -17.31 -18.23
CA CYS B 171 5.63 -16.45 -17.24
C CYS B 171 6.93 -17.07 -16.74
N LYS B 172 7.55 -17.86 -17.61
CA LYS B 172 8.88 -18.41 -17.35
C LYS B 172 9.81 -17.29 -16.94
N TYR B 173 10.62 -17.56 -15.92
CA TYR B 173 11.62 -16.62 -15.39
C TYR B 173 11.06 -15.59 -14.42
N LEU B 174 9.75 -15.64 -14.17
CA LEU B 174 9.11 -14.64 -13.29
C LEU B 174 8.58 -15.23 -12.00
N LEU B 175 8.43 -16.55 -11.98
CA LEU B 175 8.02 -17.29 -10.79
C LEU B 175 8.53 -18.74 -10.94
N PRO B 176 8.55 -19.50 -9.85
CA PRO B 176 9.09 -20.86 -9.90
C PRO B 176 8.39 -21.73 -10.96
N GLU B 177 9.18 -22.53 -11.67
CA GLU B 177 8.65 -23.41 -12.71
C GLU B 177 7.45 -24.22 -12.23
N LYS B 178 7.54 -24.77 -11.03
CA LYS B 178 6.49 -25.65 -10.51
C LYS B 178 5.17 -24.90 -10.35
N VAL B 179 5.26 -23.60 -10.05
CA VAL B 179 4.06 -22.79 -9.95
C VAL B 179 3.44 -22.53 -11.33
N GLN B 180 4.27 -22.22 -12.31
CA GLN B 180 3.79 -22.02 -13.67
C GLN B 180 3.07 -23.27 -14.15
N VAL B 181 3.66 -24.43 -13.91
CA VAL B 181 3.05 -25.68 -14.36
C VAL B 181 1.68 -25.86 -13.75
N TYR B 182 1.58 -25.61 -12.45
CA TYR B 182 0.31 -25.72 -11.76
C TYR B 182 -0.71 -24.77 -12.36
N ILE B 183 -0.28 -23.54 -12.62
CA ILE B 183 -1.21 -22.54 -13.14
C ILE B 183 -1.82 -22.91 -14.49
N GLU B 184 -0.98 -23.27 -15.45
CA GLU B 184 -1.53 -23.59 -16.77
C GLU B 184 -2.26 -24.93 -16.80
N ARG B 185 -1.84 -25.87 -15.98
CA ARG B 185 -2.54 -27.15 -15.88
C ARG B 185 -3.96 -26.95 -15.36
N ASN B 186 -4.09 -26.13 -14.31
CA ASN B 186 -5.40 -25.88 -13.71
C ASN B 186 -6.20 -24.77 -14.40
N GLY B 187 -5.62 -24.18 -15.44
CA GLY B 187 -6.30 -23.11 -16.16
C GLY B 187 -6.59 -21.87 -15.33
N LEU B 188 -5.73 -21.56 -14.36
CA LEU B 188 -5.95 -20.37 -13.56
C LEU B 188 -5.72 -19.12 -14.41
N TYR B 189 -6.40 -18.04 -14.04
CA TYR B 189 -6.20 -16.73 -14.66
C TYR B 189 -6.52 -16.74 -16.15
N GLU B 190 -7.18 -17.79 -16.61
CA GLU B 190 -7.50 -17.93 -18.02
C GLU B 190 -8.56 -16.91 -18.38
N SER B 191 -9.40 -16.58 -17.40
CA SER B 191 -10.43 -15.57 -17.58
C SER B 191 -10.13 -14.33 -16.73
CAA JJZ C . -2.15 8.02 -5.32
CAA JJZ C . 5.89 -7.16 -0.08
CAB JJZ C . -2.13 8.98 -4.33
CAB JJZ C . 5.57 -6.18 0.84
CAC JJZ C . -2.85 8.77 -3.16
CAC JJZ C . 4.54 -6.38 1.73
OAD JJZ C . -4.34 4.94 -1.50
OAD JJZ C . 2.22 -5.37 3.17
OAE JJZ C . -6.34 6.43 2.41
OAE JJZ C . -1.00 -7.33 5.63
CLAF JJZ C . -2.87 5.67 -6.40
CLAF JJZ C . 5.58 -9.56 -1.27
CAG JJZ C . -2.87 6.86 -5.14
CAG JJZ C . 5.18 -8.35 -0.11
CAH JJZ C . -3.58 6.64 -3.97
CAH JJZ C . 4.14 -8.55 0.79
CAI JJZ C . -3.58 7.61 -2.98
CAI JJZ C . 3.81 -7.57 1.71
NAJ JJZ C . -4.27 7.44 -1.73
NAJ JJZ C . 2.72 -7.77 2.63
CAK JJZ C . -4.48 6.23 -1.17
CAK JJZ C . 2.07 -6.71 3.12
CAL JJZ C . -5.20 6.37 0.15
CAL JJZ C . 0.93 -7.06 4.01
CAM JJZ C . -5.24 5.06 0.90
CAM JJZ C . 0.19 -5.81 4.36
CAN JJZ C . -5.88 5.18 2.25
CAN JJZ C . -0.98 -6.03 5.28
NAO JJZ C . -5.85 4.01 2.93
NAO JJZ C . -1.69 -4.90 5.45
NAP JJZ C . -4.76 3.21 3.00
NAP JJZ C . -2.13 -4.15 4.42
CAQ JJZ C . -4.59 2.37 3.98
CAQ JJZ C . -3.17 -3.37 4.55
CAR JJZ C . -5.86 -0.85 6.40
CAR JJZ C . -5.45 -0.59 6.70
CAS JJZ C . -5.43 0.19 5.59
CAS JJZ C . -4.69 -1.47 5.96
CAT JJZ C . -4.48 -0.05 4.60
CAT JJZ C . -3.95 -1.02 4.87
CAU JJZ C . -4.04 0.99 3.78
CAU JJZ C . -3.19 -1.92 4.14
CAV JJZ C . -3.08 0.74 2.80
CAV JJZ C . -2.45 -1.45 3.04
CAW JJZ C . -2.63 1.76 1.97
CAW JJZ C . -1.67 -2.33 2.29
CAX JJZ C . -1.68 1.49 1.00
CAX JJZ C . -0.95 -1.86 1.20
CAY JJZ C . -5.36 -2.12 6.23
CAY JJZ C . -5.48 0.76 6.35
CAZ JJZ C . -4.42 -2.37 5.24
CAZ JJZ C . -4.74 1.22 5.27
CBA JJZ C . -3.98 -1.33 4.43
CBA JJZ C . -3.98 0.33 4.53
CBB JJZ C . -3.04 -1.58 3.45
CBB JJZ C . -3.26 0.78 3.44
CBC JJZ C . -2.59 -0.55 2.63
CBC JJZ C . -2.49 -0.11 2.70
CBD JJZ C . -1.64 -0.81 1.65
CBD JJZ C . -1.76 0.37 1.62
CBE JJZ C . -1.18 0.22 0.83
CBE JJZ C . -0.99 -0.51 0.86
C FMT D . -8.25 5.64 14.69
O1 FMT D . -7.22 5.60 15.37
O2 FMT D . -9.32 6.09 15.09
C FMT E . -9.22 0.91 17.37
O1 FMT E . -9.98 1.62 16.73
O2 FMT E . -8.16 1.33 17.84
S DMS F . -13.72 21.67 -0.41
O DMS F . -15.40 21.57 -1.02
C1 DMS F . -13.59 20.65 1.09
C2 DMS F . -12.64 20.70 -1.49
C FMT G . -8.02 3.12 5.93
O1 FMT G . -7.80 3.98 5.06
O2 FMT G . -8.95 3.17 6.74
C FMT H . 4.41 -22.41 11.00
O1 FMT H . 5.33 -22.54 10.18
O2 FMT H . 3.26 -22.79 10.80
S DMS I . -13.22 -7.72 10.12
O DMS I . -13.68 -5.99 10.00
C1 DMS I . -11.46 -7.91 9.67
C2 DMS I . -13.21 -8.26 11.84
C FMT J . -4.13 -4.54 8.46
O1 FMT J . -3.36 -5.25 7.82
O2 FMT J . -4.62 -4.88 9.54
#